data_4HNB
#
_entry.id   4HNB
#
_cell.length_a   109.346
_cell.length_b   109.346
_cell.length_c   85.479
_cell.angle_alpha   90.00
_cell.angle_beta   90.00
_cell.angle_gamma   120.00
#
_symmetry.space_group_name_H-M   'P 65'
#
loop_
_entity.id
_entity.type
_entity.pdbx_description
1 polymer 'LOV protein'
2 non-polymer 'FLAVIN MONONUCLEOTIDE'
3 non-polymer 1-DEOXY-1-(7,8-DIMETHYL-2,4-DIOXO-3,4-DIHYDRO-2H-BENZO[G]PTERIDIN-1-ID-10(5H)-YL)-5-O-PHOSPHONATO-D-RIBITOL
4 water water
#
_entity_poly.entity_id   1
_entity_poly.type   'polypeptide(L)'
_entity_poly.pdbx_seq_one_letter_code
;AMDQKQFEKIRAVFDRSGVALTLVDMSLPEQPLVLANPPFLRMTGYTEGQILGFNCRFLQRGDENAQARADIRDALKLGR
ELQVVLRNYRANDEPFDNLLFLHPVGGRPDAPDYFLGSQFELGRSGNSEEAAAAGHAGALTGELARIGTVAARLEMDSRR
HLAQAAAALVRAWERRG
;
_entity_poly.pdbx_strand_id   A,B
#
# COMPACT_ATOMS: atom_id res chain seq x y z
N MET A 2 5.07 -23.86 11.94
CA MET A 2 3.91 -23.83 11.06
C MET A 2 2.59 -23.89 11.82
N ASP A 3 1.51 -24.09 11.06
CA ASP A 3 0.15 -24.17 11.56
C ASP A 3 -0.81 -24.31 10.36
N GLN A 4 -1.98 -24.88 10.61
CA GLN A 4 -3.00 -25.01 9.57
C GLN A 4 -3.82 -23.72 9.44
N LYS A 5 -4.07 -23.07 10.57
CA LYS A 5 -4.85 -21.82 10.60
C LYS A 5 -4.05 -20.66 10.02
N GLN A 6 -2.77 -20.59 10.37
CA GLN A 6 -1.93 -19.49 9.91
C GLN A 6 -1.51 -19.65 8.44
N PHE A 7 -1.39 -20.88 7.97
CA PHE A 7 -1.04 -21.09 6.56
C PHE A 7 -2.25 -20.84 5.68
N GLU A 8 -3.44 -21.07 6.24
CA GLU A 8 -4.68 -20.81 5.51
C GLU A 8 -4.87 -19.31 5.34
N LYS A 9 -4.47 -18.56 6.36
CA LYS A 9 -4.56 -17.10 6.33
C LYS A 9 -3.63 -16.54 5.25
N ILE A 10 -2.41 -17.07 5.17
CA ILE A 10 -1.45 -16.65 4.16
C ILE A 10 -1.98 -16.97 2.77
N ARG A 11 -2.64 -18.11 2.63
CA ARG A 11 -3.21 -18.48 1.35
C ARG A 11 -4.32 -17.50 1.00
N ALA A 12 -5.13 -17.15 2.00
CA ALA A 12 -6.22 -16.20 1.79
C ALA A 12 -5.70 -14.84 1.35
N VAL A 13 -4.76 -14.30 2.14
CA VAL A 13 -4.14 -13.00 1.82
C VAL A 13 -3.53 -13.03 0.43
N PHE A 14 -2.88 -14.13 0.08
CA PHE A 14 -2.28 -14.30 -1.24
C PHE A 14 -3.27 -14.21 -2.39
N ASP A 15 -4.42 -14.87 -2.23
CA ASP A 15 -5.42 -14.95 -3.30
C ASP A 15 -6.08 -13.59 -3.56
N ARG A 16 -6.35 -12.83 -2.50
CA ARG A 16 -7.02 -11.54 -2.61
C ARG A 16 -6.13 -10.40 -3.11
N SER A 17 -4.84 -10.49 -2.84
CA SER A 17 -3.90 -9.37 -2.97
C SER A 17 -3.81 -8.74 -4.36
N GLY A 18 -3.45 -7.46 -4.40
CA GLY A 18 -3.18 -6.75 -5.65
C GLY A 18 -1.69 -6.54 -5.86
N VAL A 19 -0.89 -7.28 -5.10
CA VAL A 19 0.54 -7.23 -5.29
C VAL A 19 1.11 -8.65 -5.58
N ALA A 20 2.14 -8.73 -6.41
CA ALA A 20 2.72 -10.03 -6.70
C ALA A 20 3.24 -10.64 -5.40
N LEU A 21 2.77 -11.83 -5.07
CA LEU A 21 3.20 -12.52 -3.85
C LEU A 21 3.65 -13.96 -4.15
N THR A 22 4.68 -14.41 -3.45
CA THR A 22 5.19 -15.77 -3.56
C THR A 22 5.57 -16.26 -2.17
N LEU A 23 5.36 -17.54 -1.91
CA LEU A 23 5.81 -18.12 -0.65
C LEU A 23 6.68 -19.34 -0.92
N VAL A 24 7.88 -19.35 -0.36
CA VAL A 24 8.81 -20.47 -0.52
C VAL A 24 8.91 -21.28 0.78
N ASP A 25 8.97 -22.61 0.65
CA ASP A 25 9.12 -23.53 1.78
C ASP A 25 10.60 -23.71 2.10
N MET A 26 10.99 -23.33 3.31
CA MET A 26 12.39 -23.39 3.72
C MET A 26 12.79 -24.80 4.15
N SER A 27 11.80 -25.66 4.35
CA SER A 27 12.03 -27.01 4.83
C SER A 27 12.43 -28.00 3.74
N LEU A 28 12.57 -27.51 2.51
CA LEU A 28 12.86 -28.40 1.39
C LEU A 28 14.16 -28.04 0.69
N PRO A 29 15.00 -29.07 0.44
CA PRO A 29 16.36 -29.07 -0.12
C PRO A 29 16.62 -28.06 -1.24
N GLU A 30 15.60 -27.80 -2.04
CA GLU A 30 15.74 -26.99 -3.23
C GLU A 30 14.95 -25.68 -3.08
N GLN A 31 14.29 -25.52 -1.93
CA GLN A 31 13.55 -24.30 -1.56
C GLN A 31 12.52 -23.89 -2.60
N PRO A 32 11.41 -24.63 -2.66
CA PRO A 32 10.47 -24.54 -3.77
C PRO A 32 9.32 -23.58 -3.52
N LEU A 33 8.80 -23.02 -4.61
CA LEU A 33 7.53 -22.32 -4.56
C LEU A 33 6.45 -23.19 -3.96
N VAL A 34 5.76 -22.65 -2.98
CA VAL A 34 4.64 -23.37 -2.38
C VAL A 34 3.34 -22.61 -2.66
N LEU A 35 3.46 -21.28 -2.72
CA LEU A 35 2.36 -20.38 -3.10
C LEU A 35 2.83 -19.46 -4.24
N ALA A 36 1.93 -19.17 -5.17
CA ALA A 36 2.21 -18.20 -6.24
C ALA A 36 0.90 -17.53 -6.70
N ASN A 37 0.74 -16.24 -6.39
CA ASN A 37 -0.55 -15.55 -6.53
C ASN A 37 -0.81 -14.99 -7.94
N PRO A 38 -2.09 -14.70 -8.25
CA PRO A 38 -2.40 -14.33 -9.65
C PRO A 38 -1.63 -13.12 -10.24
N PRO A 39 -1.35 -12.05 -9.45
CA PRO A 39 -0.59 -11.02 -10.16
C PRO A 39 0.85 -11.43 -10.44
N PHE A 40 1.39 -12.34 -9.63
CA PHE A 40 2.68 -12.92 -9.98
C PHE A 40 2.59 -13.69 -11.31
N LEU A 41 1.59 -14.56 -11.42
CA LEU A 41 1.44 -15.39 -12.63
C LEU A 41 1.18 -14.53 -13.86
N ARG A 42 0.44 -13.45 -13.69
CA ARG A 42 0.13 -12.52 -14.77
C ARG A 42 1.37 -11.79 -15.25
N MET A 43 2.27 -11.49 -14.32
CA MET A 43 3.50 -10.76 -14.65
C MET A 43 4.50 -11.63 -15.38
N THR A 44 4.58 -12.90 -14.97
CA THR A 44 5.57 -13.85 -15.51
C THR A 44 5.02 -14.71 -16.65
N GLY A 45 3.70 -14.86 -16.70
CA GLY A 45 3.09 -15.59 -17.80
C GLY A 45 3.09 -17.10 -17.66
N TYR A 46 3.35 -17.59 -16.44
CA TYR A 46 3.30 -19.02 -16.16
C TYR A 46 2.00 -19.31 -15.47
N THR A 47 1.65 -20.59 -15.33
CA THR A 47 0.49 -20.97 -14.54
C THR A 47 0.96 -21.51 -13.21
N GLU A 48 0.03 -21.69 -12.29
CA GLU A 48 0.29 -22.30 -10.99
C GLU A 48 1.02 -23.65 -11.13
N GLY A 49 0.41 -24.57 -11.87
CA GLY A 49 0.97 -25.90 -12.04
C GLY A 49 2.28 -25.92 -12.79
N GLN A 50 2.48 -24.91 -13.64
CA GLN A 50 3.70 -24.82 -14.43
C GLN A 50 4.91 -24.43 -13.59
N ILE A 51 4.70 -23.91 -12.37
CA ILE A 51 5.80 -23.38 -11.57
C ILE A 51 5.87 -23.79 -10.08
N LEU A 52 4.73 -24.16 -9.50
CA LEU A 52 4.72 -24.64 -8.11
C LEU A 52 5.60 -25.88 -7.92
N GLY A 53 6.20 -25.99 -6.73
CA GLY A 53 7.12 -27.08 -6.44
C GLY A 53 8.54 -26.85 -6.95
N PHE A 54 8.74 -25.78 -7.72
CA PHE A 54 10.06 -25.46 -8.28
C PHE A 54 10.66 -24.29 -7.49
N ASN A 55 11.97 -24.10 -7.58
CA ASN A 55 12.61 -22.91 -7.01
C ASN A 55 12.50 -21.72 -7.96
N CYS A 56 12.33 -20.51 -7.42
CA CYS A 56 12.12 -19.31 -8.25
C CYS A 56 13.28 -18.95 -9.15
N ARG A 57 14.41 -19.64 -9.02
CA ARG A 57 15.55 -19.29 -9.87
C ARG A 57 15.36 -19.61 -11.38
N PHE A 58 14.21 -20.21 -11.75
CA PHE A 58 13.94 -20.42 -13.19
C PHE A 58 13.64 -19.13 -13.95
N LEU A 59 13.31 -18.07 -13.21
CA LEU A 59 13.03 -16.78 -13.82
C LEU A 59 14.31 -16.16 -14.36
N GLN A 60 15.45 -16.68 -13.92
CA GLN A 60 16.75 -16.19 -14.36
C GLN A 60 17.31 -17.09 -15.44
N ARG A 61 18.38 -16.65 -16.08
CA ARG A 61 19.08 -17.50 -17.03
C ARG A 61 20.50 -17.80 -16.50
N GLY A 62 20.57 -18.79 -15.62
CA GLY A 62 21.83 -19.27 -15.07
C GLY A 62 22.66 -18.24 -14.31
N ASP A 63 23.66 -17.69 -15.01
CA ASP A 63 24.59 -16.74 -14.41
C ASP A 63 24.37 -15.33 -14.94
N GLU A 64 23.74 -14.50 -14.13
CA GLU A 64 23.40 -13.13 -14.52
C GLU A 64 23.19 -12.31 -13.24
N ASN A 65 22.85 -13.02 -12.16
CA ASN A 65 22.59 -12.37 -10.88
C ASN A 65 23.48 -12.93 -9.77
N ALA A 66 24.77 -13.10 -10.06
CA ALA A 66 25.70 -13.70 -9.08
C ALA A 66 25.81 -12.90 -7.77
N GLN A 67 26.06 -11.59 -7.88
CA GLN A 67 26.13 -10.76 -6.70
C GLN A 67 24.80 -10.76 -5.93
N ALA A 68 23.70 -10.58 -6.65
CA ALA A 68 22.38 -10.49 -6.05
C ALA A 68 21.94 -11.78 -5.35
N ARG A 69 22.19 -12.93 -5.99
CA ARG A 69 21.85 -14.23 -5.41
C ARG A 69 22.70 -14.52 -4.18
N ALA A 70 23.92 -14.00 -4.15
CA ALA A 70 24.74 -14.06 -2.95
C ALA A 70 24.02 -13.32 -1.83
N ASP A 71 23.63 -12.07 -2.10
CA ASP A 71 22.83 -11.30 -1.14
C ASP A 71 21.53 -12.01 -0.74
N ILE A 72 20.94 -12.73 -1.69
CA ILE A 72 19.70 -13.47 -1.39
C ILE A 72 19.96 -14.64 -0.45
N ARG A 73 21.01 -15.42 -0.77
CA ARG A 73 21.38 -16.58 0.05
C ARG A 73 21.74 -16.19 1.50
N ASP A 74 22.49 -15.10 1.65
CA ASP A 74 22.80 -14.58 2.98
C ASP A 74 21.53 -14.24 3.74
N ALA A 75 20.66 -13.49 3.07
CA ALA A 75 19.41 -13.08 3.69
C ALA A 75 18.61 -14.28 4.14
N LEU A 76 18.51 -15.28 3.27
CA LEU A 76 17.68 -16.46 3.54
C LEU A 76 18.26 -17.28 4.70
N LYS A 77 19.59 -17.41 4.70
CA LYS A 77 20.31 -18.07 5.78
C LYS A 77 20.11 -17.32 7.10
N LEU A 78 20.18 -15.99 7.04
CA LEU A 78 20.07 -15.16 8.23
C LEU A 78 18.62 -14.99 8.67
N GLY A 79 17.69 -15.15 7.74
CA GLY A 79 16.30 -14.90 8.05
C GLY A 79 16.08 -13.40 8.20
N ARG A 80 16.72 -12.64 7.32
CA ARG A 80 16.56 -11.18 7.27
C ARG A 80 15.83 -10.72 6.01
N GLU A 81 15.21 -9.55 6.10
CA GLU A 81 14.56 -8.94 4.95
C GLU A 81 15.63 -8.51 3.96
N LEU A 82 15.22 -8.32 2.71
CA LEU A 82 16.14 -7.86 1.68
C LEU A 82 15.29 -7.34 0.55
N GLN A 83 15.77 -6.29 -0.10
CA GLN A 83 15.17 -5.82 -1.34
C GLN A 83 16.28 -5.89 -2.36
N VAL A 84 16.02 -6.55 -3.49
CA VAL A 84 17.06 -6.75 -4.50
C VAL A 84 16.47 -6.80 -5.90
N VAL A 85 17.21 -6.26 -6.85
CA VAL A 85 16.82 -6.23 -8.25
C VAL A 85 17.40 -7.41 -9.04
N LEU A 86 16.52 -8.26 -9.57
CA LEU A 86 16.95 -9.40 -10.38
C LEU A 86 16.57 -9.19 -11.85
N ARG A 87 17.47 -9.58 -12.76
CA ARG A 87 17.11 -9.68 -14.18
C ARG A 87 16.24 -10.90 -14.33
N ASN A 88 15.08 -10.77 -14.97
CA ASN A 88 14.18 -11.92 -15.08
C ASN A 88 13.58 -12.10 -16.48
N TYR A 89 12.89 -13.23 -16.69
CA TYR A 89 12.35 -13.60 -18.01
C TYR A 89 10.95 -14.20 -17.88
N ARG A 90 10.02 -13.72 -18.71
CA ARG A 90 8.66 -14.25 -18.65
C ARG A 90 8.60 -15.61 -19.35
N ALA A 91 7.44 -16.26 -19.31
CA ALA A 91 7.26 -17.54 -20.00
C ALA A 91 7.56 -17.39 -21.49
N ASN A 92 7.13 -16.27 -22.08
CA ASN A 92 7.46 -15.95 -23.46
C ASN A 92 8.87 -15.40 -23.64
N ASP A 93 9.69 -15.54 -22.60
CA ASP A 93 11.11 -15.14 -22.62
C ASP A 93 11.41 -13.64 -22.77
N GLU A 94 10.38 -12.82 -22.68
CA GLU A 94 10.59 -11.38 -22.55
C GLU A 94 11.37 -11.08 -21.27
N PRO A 95 12.40 -10.22 -21.38
CA PRO A 95 13.21 -9.88 -20.21
C PRO A 95 12.60 -8.71 -19.44
N PHE A 96 12.71 -8.75 -18.12
CA PHE A 96 12.30 -7.63 -17.27
C PHE A 96 13.12 -7.62 -16.00
N ASP A 97 13.37 -6.43 -15.48
CA ASP A 97 14.03 -6.29 -14.20
C ASP A 97 13.01 -6.37 -13.08
N ASN A 98 13.30 -7.24 -12.11
CA ASN A 98 12.44 -7.54 -10.99
C ASN A 98 13.03 -6.88 -9.76
N LEU A 99 12.28 -5.97 -9.13
CA LEU A 99 12.64 -5.45 -7.81
C LEU A 99 11.98 -6.36 -6.79
N LEU A 100 12.78 -7.25 -6.22
CA LEU A 100 12.25 -8.33 -5.37
C LEU A 100 12.34 -7.97 -3.89
N PHE A 101 11.21 -8.11 -3.20
CA PHE A 101 11.13 -7.86 -1.76
C PHE A 101 11.10 -9.21 -1.04
N LEU A 102 12.05 -9.44 -0.12
CA LEU A 102 12.09 -10.70 0.65
C LEU A 102 11.74 -10.50 2.13
N HIS A 103 10.88 -11.36 2.67
CA HIS A 103 10.51 -11.29 4.08
C HIS A 103 10.41 -12.68 4.67
N PRO A 104 10.94 -12.87 5.88
CA PRO A 104 10.82 -14.13 6.61
C PRO A 104 9.42 -14.24 7.20
N VAL A 105 8.78 -15.40 7.06
CA VAL A 105 7.44 -15.57 7.64
C VAL A 105 7.49 -16.40 8.91
N GLY A 106 7.01 -15.80 10.01
CA GLY A 106 6.89 -16.47 11.30
C GLY A 106 8.04 -17.37 11.68
N GLY A 107 7.72 -18.47 12.36
CA GLY A 107 8.71 -19.44 12.79
C GLY A 107 9.83 -18.87 13.64
N ARG A 108 11.06 -19.28 13.33
CA ARG A 108 12.22 -18.89 14.13
C ARG A 108 12.99 -17.74 13.48
N PRO A 109 13.22 -16.66 14.25
CA PRO A 109 14.00 -15.46 13.92
C PRO A 109 15.20 -15.71 13.01
N ASP A 110 15.92 -16.82 13.18
CA ASP A 110 17.06 -17.11 12.33
C ASP A 110 16.93 -18.41 11.53
N ALA A 111 15.72 -18.97 11.55
CA ALA A 111 15.36 -20.11 10.71
C ALA A 111 13.85 -20.12 10.49
N PRO A 112 13.35 -19.25 9.61
CA PRO A 112 11.90 -19.09 9.43
C PRO A 112 11.21 -20.27 8.72
N ASP A 113 9.91 -20.40 8.95
CA ASP A 113 9.09 -21.40 8.27
C ASP A 113 9.06 -21.13 6.77
N TYR A 114 8.90 -19.87 6.39
CA TYR A 114 8.86 -19.52 4.98
C TYR A 114 9.52 -18.19 4.68
N PHE A 115 9.80 -17.98 3.41
CA PHE A 115 10.09 -16.66 2.92
C PHE A 115 8.98 -16.20 1.98
N LEU A 116 8.59 -14.94 2.15
CA LEU A 116 7.59 -14.29 1.32
C LEU A 116 8.38 -13.47 0.32
N GLY A 117 8.11 -13.64 -0.96
CA GLY A 117 8.71 -12.80 -1.97
C GLY A 117 7.64 -11.96 -2.64
N SER A 118 7.95 -10.69 -2.92
CA SER A 118 7.02 -9.82 -3.61
C SER A 118 7.73 -9.10 -4.75
N GLN A 119 7.30 -9.36 -5.97
CA GLN A 119 8.02 -8.86 -7.14
C GLN A 119 7.39 -7.59 -7.67
N PHE A 120 8.23 -6.60 -7.95
CA PHE A 120 7.77 -5.35 -8.54
C PHE A 120 8.45 -5.16 -9.88
N GLU A 121 7.68 -5.09 -10.96
CA GLU A 121 8.30 -4.90 -12.26
C GLU A 121 8.76 -3.45 -12.46
N LEU A 122 10.06 -3.32 -12.70
CA LEU A 122 10.68 -2.03 -13.01
C LEU A 122 10.57 -1.77 -14.52
N GLY A 123 10.57 -0.49 -14.90
CA GLY A 123 10.66 -0.10 -16.29
C GLY A 123 9.33 -0.02 -17.02
N ARG A 124 8.24 -0.14 -16.28
CA ARG A 124 6.91 0.05 -16.85
C ARG A 124 6.19 1.15 -16.08
N SER A 125 6.93 2.15 -15.64
CA SER A 125 6.36 3.23 -14.83
C SER A 125 6.86 4.63 -15.21
N GLY A 126 7.48 4.73 -16.38
CA GLY A 126 7.86 6.01 -16.95
C GLY A 126 8.74 6.88 -16.06
N ASN A 127 8.25 8.09 -15.77
CA ASN A 127 8.97 9.03 -14.91
C ASN A 127 8.77 8.84 -13.40
N SER A 128 7.85 7.95 -13.01
CA SER A 128 7.58 7.77 -11.59
C SER A 128 7.83 6.35 -11.09
N GLU A 129 9.02 5.82 -11.37
CA GLU A 129 9.41 4.50 -10.88
C GLU A 129 9.48 4.52 -9.35
N GLU A 130 10.11 5.55 -8.81
CA GLU A 130 10.20 5.73 -7.37
C GLU A 130 8.84 5.70 -6.69
N ALA A 131 7.90 6.49 -7.20
CA ALA A 131 6.54 6.55 -6.66
C ALA A 131 5.88 5.19 -6.70
N ALA A 132 5.97 4.54 -7.85
CA ALA A 132 5.35 3.25 -8.05
C ALA A 132 5.97 2.18 -7.15
N ALA A 133 7.28 2.24 -6.97
CA ALA A 133 7.93 1.27 -6.10
C ALA A 133 7.49 1.48 -4.66
N ALA A 134 7.52 2.74 -4.25
CA ALA A 134 7.10 3.15 -2.92
C ALA A 134 5.65 2.76 -2.67
N GLY A 135 4.80 2.94 -3.67
CA GLY A 135 3.43 2.44 -3.61
C GLY A 135 3.37 0.95 -3.36
N HIS A 136 4.11 0.19 -4.17
CA HIS A 136 4.19 -1.26 -4.01
C HIS A 136 4.57 -1.64 -2.59
N ALA A 137 5.68 -1.08 -2.10
CA ALA A 137 6.10 -1.28 -0.71
C ALA A 137 4.99 -0.99 0.30
N GLY A 138 4.21 0.06 0.07
CA GLY A 138 3.11 0.41 0.94
C GLY A 138 2.05 -0.67 0.97
N ALA A 139 1.63 -1.12 -0.22
CA ALA A 139 0.68 -2.23 -0.33
C ALA A 139 1.23 -3.50 0.33
N LEU A 140 2.48 -3.86 0.03
CA LEU A 140 3.11 -5.05 0.63
C LEU A 140 2.99 -5.01 2.15
N THR A 141 3.45 -3.92 2.74
CA THR A 141 3.49 -3.78 4.18
C THR A 141 2.11 -4.07 4.77
N GLY A 142 1.07 -3.60 4.08
CA GLY A 142 -0.29 -3.90 4.46
C GLY A 142 -0.54 -5.40 4.47
N GLU A 143 -0.07 -6.09 3.44
CA GLU A 143 -0.24 -7.55 3.40
C GLU A 143 0.58 -8.26 4.47
N LEU A 144 1.80 -7.78 4.73
CA LEU A 144 2.63 -8.33 5.80
C LEU A 144 2.00 -8.11 7.18
N ALA A 145 1.36 -6.96 7.35
CA ALA A 145 0.64 -6.68 8.60
C ALA A 145 -0.54 -7.62 8.79
N ARG A 146 -1.14 -8.07 7.67
CA ARG A 146 -2.29 -8.96 7.72
C ARG A 146 -1.88 -10.38 8.07
N ILE A 147 -0.80 -10.83 7.44
CA ILE A 147 -0.26 -12.14 7.71
C ILE A 147 0.11 -12.23 9.19
N GLY A 148 0.79 -11.20 9.68
CA GLY A 148 1.21 -11.14 11.07
C GLY A 148 2.68 -10.79 11.24
N THR A 149 3.45 -10.85 10.15
CA THR A 149 4.89 -10.61 10.19
C THR A 149 5.25 -9.21 10.67
N VAL A 150 4.69 -8.19 10.03
CA VAL A 150 4.81 -6.83 10.55
C VAL A 150 3.80 -6.62 11.69
N ALA A 151 4.31 -6.46 12.90
CA ALA A 151 3.48 -6.40 14.10
C ALA A 151 2.63 -5.14 14.17
N ALA A 152 1.46 -5.26 14.79
CA ALA A 152 0.64 -4.12 15.23
C ALA A 152 0.47 -3.02 14.18
N ARG A 153 0.59 -1.76 14.62
CA ARG A 153 0.67 -0.66 13.66
C ARG A 153 1.89 0.24 13.86
N LEU A 154 3.01 -0.39 14.22
CA LEU A 154 4.32 0.14 13.84
C LEU A 154 4.50 -0.17 12.34
N GLU A 155 3.42 -0.64 11.74
CA GLU A 155 3.26 -0.83 10.31
C GLU A 155 3.57 0.46 9.54
N MET A 156 3.11 1.58 10.08
CA MET A 156 3.33 2.92 9.49
C MET A 156 4.82 3.21 9.27
N ASP A 157 5.61 3.10 10.33
CA ASP A 157 7.04 3.33 10.25
C ASP A 157 7.68 2.23 9.41
N SER A 158 7.21 1.01 9.60
CA SER A 158 7.61 -0.09 8.73
C SER A 158 7.33 0.24 7.26
N ARG A 159 6.14 0.77 6.98
CA ARG A 159 5.78 1.18 5.61
C ARG A 159 6.73 2.26 5.08
N ARG A 160 6.93 3.31 5.87
CA ARG A 160 7.75 4.44 5.46
C ARG A 160 9.19 4.05 5.14
N HIS A 161 9.76 3.18 5.96
CA HIS A 161 11.11 2.67 5.68
C HIS A 161 11.16 1.82 4.39
N LEU A 162 10.29 0.82 4.28
CA LEU A 162 10.27 -0.02 3.10
C LEU A 162 10.12 0.81 1.84
N ALA A 163 9.20 1.78 1.90
CA ALA A 163 9.01 2.70 0.78
C ALA A 163 10.28 3.50 0.50
N GLN A 164 10.98 3.92 1.55
CA GLN A 164 12.24 4.64 1.41
C GLN A 164 13.27 3.76 0.73
N ALA A 165 13.41 2.53 1.23
CA ALA A 165 14.33 1.56 0.67
C ALA A 165 14.00 1.25 -0.80
N ALA A 166 12.71 1.06 -1.11
CA ALA A 166 12.33 0.73 -2.48
C ALA A 166 12.75 1.82 -3.45
N ALA A 167 12.47 3.06 -3.07
CA ALA A 167 12.80 4.20 -3.91
C ALA A 167 14.31 4.35 -4.12
N ALA A 168 15.08 4.08 -3.08
CA ALA A 168 16.54 4.11 -3.16
C ALA A 168 17.04 3.10 -4.19
N LEU A 169 16.55 1.88 -4.09
CA LEU A 169 16.94 0.81 -4.99
C LEU A 169 16.59 1.16 -6.43
N VAL A 170 15.49 1.88 -6.60
CA VAL A 170 15.07 2.30 -7.92
C VAL A 170 16.06 3.30 -8.50
N ARG A 171 16.44 4.27 -7.67
CA ARG A 171 17.43 5.28 -8.07
C ARG A 171 18.76 4.66 -8.51
N ALA A 172 19.28 3.74 -7.69
CA ALA A 172 20.47 2.97 -8.06
C ALA A 172 20.29 2.29 -9.42
N TRP A 173 19.15 1.62 -9.61
CA TRP A 173 18.85 0.92 -10.85
C TRP A 173 18.77 1.86 -12.07
N GLU A 174 18.50 3.14 -11.83
CA GLU A 174 18.49 4.15 -12.90
C GLU A 174 19.87 4.81 -13.05
N ARG A 175 20.73 4.65 -12.05
CA ARG A 175 22.11 5.10 -12.15
C ARG A 175 22.96 4.00 -12.80
N ARG A 176 22.28 3.01 -13.35
CA ARG A 176 22.94 1.90 -14.03
C ARG A 176 22.31 1.70 -15.39
N GLY A 177 22.52 2.67 -16.28
CA GLY A 177 21.93 2.63 -17.62
C GLY A 177 22.12 1.31 -18.36
N ALA B 1 -28.85 2.27 -0.29
CA ALA B 1 -28.94 0.91 -0.81
C ALA B 1 -27.73 0.06 -0.40
N MET B 2 -27.16 0.37 0.76
CA MET B 2 -25.95 -0.32 1.24
C MET B 2 -26.20 -1.27 2.42
N ASP B 3 -25.98 -2.57 2.19
CA ASP B 3 -26.09 -3.59 3.23
C ASP B 3 -25.46 -3.18 4.55
N GLN B 4 -26.14 -3.51 5.65
CA GLN B 4 -25.56 -3.33 6.99
C GLN B 4 -24.26 -4.13 7.06
N LYS B 5 -24.22 -5.22 6.31
CA LYS B 5 -23.06 -6.10 6.18
C LYS B 5 -21.81 -5.44 5.54
N GLN B 6 -22.01 -4.68 4.47
CA GLN B 6 -20.91 -3.91 3.87
C GLN B 6 -20.40 -2.82 4.83
N PHE B 7 -21.32 -2.05 5.42
CA PHE B 7 -20.95 -1.01 6.37
C PHE B 7 -20.06 -1.58 7.45
N GLU B 8 -20.41 -2.77 7.91
CA GLU B 8 -19.61 -3.42 8.93
C GLU B 8 -18.28 -3.90 8.40
N LYS B 9 -18.23 -4.28 7.12
CA LYS B 9 -16.97 -4.67 6.51
C LYS B 9 -16.02 -3.48 6.52
N ILE B 10 -16.57 -2.33 6.12
CA ILE B 10 -15.82 -1.08 6.09
C ILE B 10 -15.33 -0.72 7.50
N ARG B 11 -16.21 -0.77 8.49
CA ARG B 11 -15.80 -0.54 9.88
C ARG B 11 -14.63 -1.46 10.27
N ALA B 12 -14.68 -2.73 9.89
CA ALA B 12 -13.63 -3.68 10.25
C ALA B 12 -12.31 -3.37 9.56
N VAL B 13 -12.40 -2.98 8.29
CA VAL B 13 -11.21 -2.53 7.57
C VAL B 13 -10.61 -1.26 8.22
N PHE B 14 -11.43 -0.28 8.54
CA PHE B 14 -10.95 0.90 9.27
C PHE B 14 -10.21 0.55 10.57
N ASP B 15 -10.83 -0.29 11.37
CA ASP B 15 -10.28 -0.68 12.66
C ASP B 15 -8.88 -1.27 12.59
N ARG B 16 -8.60 -2.07 11.56
CA ARG B 16 -7.32 -2.76 11.46
C ARG B 16 -6.27 -2.03 10.62
N SER B 17 -6.67 -0.98 9.93
CA SER B 17 -5.80 -0.32 8.97
C SER B 17 -4.59 0.39 9.58
N GLY B 18 -3.52 0.45 8.81
CA GLY B 18 -2.32 1.18 9.20
C GLY B 18 -2.28 2.58 8.63
N VAL B 19 -3.34 3.02 7.96
CA VAL B 19 -3.45 4.42 7.57
C VAL B 19 -4.70 5.08 8.14
N ALA B 20 -4.64 6.40 8.31
CA ALA B 20 -5.80 7.15 8.75
C ALA B 20 -6.94 6.96 7.76
N LEU B 21 -8.12 6.62 8.28
CA LEU B 21 -9.28 6.42 7.45
C LEU B 21 -10.47 7.15 8.04
N THR B 22 -11.26 7.79 7.20
CA THR B 22 -12.51 8.39 7.67
C THR B 22 -13.61 8.07 6.66
N LEU B 23 -14.86 8.07 7.13
CA LEU B 23 -16.01 7.85 6.26
C LEU B 23 -17.06 8.87 6.60
N VAL B 24 -17.67 9.47 5.58
CA VAL B 24 -18.64 10.55 5.75
C VAL B 24 -19.94 10.19 5.05
N ASP B 25 -21.07 10.42 5.73
CA ASP B 25 -22.43 10.20 5.21
C ASP B 25 -22.82 11.27 4.19
N MET B 26 -23.08 10.85 2.95
CA MET B 26 -23.38 11.80 1.88
C MET B 26 -24.87 11.99 1.72
N SER B 27 -25.68 11.28 2.50
CA SER B 27 -27.11 11.34 2.31
C SER B 27 -27.70 12.64 2.86
N LEU B 28 -26.86 13.46 3.49
CA LEU B 28 -27.29 14.76 3.97
C LEU B 28 -26.21 15.81 3.75
N PRO B 29 -26.64 17.04 3.44
CA PRO B 29 -25.67 18.08 3.07
C PRO B 29 -24.66 18.45 4.15
N GLU B 30 -24.98 18.27 5.44
CA GLU B 30 -23.99 18.60 6.46
C GLU B 30 -22.81 17.61 6.48
N GLN B 31 -23.02 16.44 5.90
CA GLN B 31 -21.93 15.50 5.63
C GLN B 31 -21.10 15.12 6.86
N PRO B 32 -21.72 14.51 7.87
CA PRO B 32 -21.04 14.25 9.15
C PRO B 32 -20.06 13.09 9.05
N LEU B 33 -19.03 13.09 9.91
CA LEU B 33 -18.15 11.93 10.00
C LEU B 33 -18.92 10.80 10.60
N VAL B 34 -18.75 9.60 10.07
CA VAL B 34 -19.57 8.48 10.52
C VAL B 34 -18.67 7.32 10.96
N LEU B 35 -17.40 7.40 10.58
CA LEU B 35 -16.34 6.44 10.95
C LEU B 35 -15.00 7.18 10.97
N ALA B 36 -14.14 6.83 11.93
CA ALA B 36 -12.82 7.45 12.02
C ALA B 36 -11.88 6.54 12.79
N ASN B 37 -10.85 6.01 12.13
CA ASN B 37 -10.06 4.94 12.74
C ASN B 37 -8.97 5.46 13.69
N PRO B 38 -8.31 4.55 14.45
CA PRO B 38 -7.30 4.99 15.41
C PRO B 38 -6.15 5.89 14.89
N PRO B 39 -5.55 5.58 13.73
CA PRO B 39 -4.49 6.48 13.25
C PRO B 39 -4.98 7.90 12.88
N PHE B 40 -6.24 8.07 12.50
CA PHE B 40 -6.73 9.42 12.22
C PHE B 40 -6.88 10.11 13.58
N LEU B 41 -7.33 9.34 14.56
CA LEU B 41 -7.58 9.87 15.89
C LEU B 41 -6.30 10.29 16.61
N ARG B 42 -5.21 9.56 16.41
CA ARG B 42 -3.92 9.95 17.00
C ARG B 42 -3.30 11.16 16.31
N MET B 43 -3.32 11.15 14.97
CA MET B 43 -2.79 12.25 14.20
C MET B 43 -3.41 13.57 14.67
N THR B 44 -4.72 13.55 14.91
CA THR B 44 -5.47 14.76 15.26
C THR B 44 -5.59 15.01 16.77
N GLY B 45 -5.55 13.95 17.56
CA GLY B 45 -5.61 14.08 19.00
C GLY B 45 -7.02 14.15 19.58
N TYR B 46 -8.01 13.70 18.83
CA TYR B 46 -9.37 13.61 19.35
C TYR B 46 -9.69 12.17 19.76
N THR B 47 -10.89 11.93 20.29
CA THR B 47 -11.36 10.58 20.57
C THR B 47 -12.48 10.30 19.58
N GLU B 48 -12.86 9.03 19.42
CA GLU B 48 -13.84 8.66 18.42
C GLU B 48 -15.17 9.30 18.75
N GLY B 49 -15.56 9.18 20.03
CA GLY B 49 -16.80 9.72 20.52
C GLY B 49 -17.02 11.20 20.23
N GLN B 50 -15.97 12.01 20.34
CA GLN B 50 -16.20 13.46 20.19
C GLN B 50 -16.21 13.93 18.72
N ILE B 51 -15.84 13.04 17.82
CA ILE B 51 -15.62 13.39 16.43
C ILE B 51 -16.81 13.05 15.51
N LEU B 52 -17.45 11.92 15.78
CA LEU B 52 -18.53 11.41 14.94
C LEU B 52 -19.77 12.28 15.03
N GLY B 53 -20.44 12.54 13.91
CA GLY B 53 -21.52 13.52 13.86
C GLY B 53 -21.06 14.87 13.33
N PHE B 54 -19.79 15.20 13.52
CA PHE B 54 -19.25 16.47 13.03
C PHE B 54 -18.78 16.43 11.58
N ASN B 55 -18.84 17.57 10.89
CA ASN B 55 -18.19 17.65 9.61
C ASN B 55 -16.68 17.79 9.80
N CYS B 56 -15.91 17.18 8.91
CA CYS B 56 -14.46 17.08 9.04
C CYS B 56 -13.71 18.43 9.00
N ARG B 57 -14.40 19.47 8.55
CA ARG B 57 -13.79 20.80 8.47
C ARG B 57 -13.42 21.38 9.85
N PHE B 58 -13.92 20.76 10.93
CA PHE B 58 -13.55 21.15 12.29
C PHE B 58 -12.04 21.16 12.49
N LEU B 59 -11.32 20.45 11.62
CA LEU B 59 -9.87 20.48 11.63
C LEU B 59 -9.33 21.77 11.05
N GLN B 60 -10.21 22.57 10.45
CA GLN B 60 -9.75 23.84 9.86
C GLN B 60 -9.98 25.07 10.75
N ARG B 61 -9.42 26.21 10.32
CA ARG B 61 -9.69 27.50 10.94
C ARG B 61 -10.14 28.54 9.89
N GLY B 62 -11.37 29.03 10.03
CA GLY B 62 -11.84 30.19 9.28
C GLY B 62 -11.97 30.07 7.78
N ASP B 63 -11.22 30.91 7.06
CA ASP B 63 -11.17 30.87 5.60
C ASP B 63 -9.72 30.76 5.16
N GLU B 64 -9.23 29.52 5.11
CA GLU B 64 -7.79 29.29 5.09
C GLU B 64 -7.34 28.44 3.90
N ASN B 65 -8.21 27.56 3.43
CA ASN B 65 -7.89 26.68 2.31
C ASN B 65 -8.87 26.88 1.18
N ALA B 66 -9.00 28.14 0.76
CA ALA B 66 -10.09 28.54 -0.11
C ALA B 66 -10.08 27.75 -1.40
N GLN B 67 -8.89 27.60 -1.99
CA GLN B 67 -8.73 26.86 -3.23
C GLN B 67 -9.02 25.36 -3.02
N ALA B 68 -8.42 24.80 -1.98
CA ALA B 68 -8.46 23.37 -1.76
C ALA B 68 -9.90 22.99 -1.48
N ARG B 69 -10.58 23.83 -0.72
CA ARG B 69 -11.96 23.56 -0.36
C ARG B 69 -12.90 23.63 -1.54
N ALA B 70 -12.71 24.61 -2.41
CA ALA B 70 -13.57 24.74 -3.59
C ALA B 70 -13.45 23.49 -4.49
N ASP B 71 -12.23 22.97 -4.59
CA ASP B 71 -11.96 21.70 -5.26
C ASP B 71 -12.66 20.52 -4.57
N ILE B 72 -12.57 20.47 -3.23
CA ILE B 72 -13.22 19.41 -2.46
C ILE B 72 -14.74 19.40 -2.67
N ARG B 73 -15.37 20.57 -2.58
CA ARG B 73 -16.81 20.67 -2.81
C ARG B 73 -17.20 20.14 -4.20
N ASP B 74 -16.43 20.50 -5.23
CA ASP B 74 -16.75 20.00 -6.56
C ASP B 74 -16.66 18.47 -6.65
N ALA B 75 -15.51 17.91 -6.23
CA ALA B 75 -15.30 16.45 -6.22
C ALA B 75 -16.49 15.78 -5.58
N LEU B 76 -16.88 16.31 -4.41
CA LEU B 76 -17.98 15.74 -3.65
C LEU B 76 -19.29 15.78 -4.42
N LYS B 77 -19.61 16.94 -4.98
CA LYS B 77 -20.85 17.09 -5.74
C LYS B 77 -20.80 16.22 -6.98
N LEU B 78 -19.63 16.15 -7.61
CA LEU B 78 -19.48 15.38 -8.85
C LEU B 78 -19.21 13.90 -8.55
N GLY B 79 -19.06 13.55 -7.27
CA GLY B 79 -18.82 12.18 -6.88
C GLY B 79 -17.57 11.60 -7.53
N ARG B 80 -16.46 12.33 -7.42
CA ARG B 80 -15.20 11.92 -8.02
C ARG B 80 -14.11 11.89 -6.96
N GLU B 81 -13.02 11.17 -7.26
CA GLU B 81 -11.87 11.11 -6.39
C GLU B 81 -11.13 12.42 -6.46
N LEU B 82 -10.37 12.72 -5.42
CA LEU B 82 -9.57 13.92 -5.36
C LEU B 82 -8.44 13.76 -4.37
N GLN B 83 -7.27 14.29 -4.71
CA GLN B 83 -6.22 14.49 -3.73
C GLN B 83 -5.92 16.01 -3.64
N VAL B 84 -5.85 16.52 -2.41
CA VAL B 84 -5.52 17.93 -2.14
C VAL B 84 -4.77 18.02 -0.82
N VAL B 85 -3.88 19.00 -0.71
CA VAL B 85 -3.24 19.28 0.58
C VAL B 85 -4.05 20.34 1.33
N LEU B 86 -4.15 20.18 2.66
CA LEU B 86 -4.92 21.09 3.51
C LEU B 86 -4.13 21.54 4.73
N ARG B 87 -4.23 22.82 5.07
CA ARG B 87 -3.72 23.29 6.36
C ARG B 87 -4.71 22.87 7.44
N ASN B 88 -4.27 22.06 8.41
CA ASN B 88 -5.16 21.54 9.44
C ASN B 88 -4.59 21.79 10.83
N TYR B 89 -5.39 21.53 11.86
CA TYR B 89 -4.93 21.73 13.22
C TYR B 89 -5.32 20.57 14.13
N ARG B 90 -4.35 20.06 14.90
CA ARG B 90 -4.63 19.09 15.95
C ARG B 90 -5.47 19.70 17.06
N ALA B 91 -5.92 18.85 17.98
CA ALA B 91 -6.71 19.27 19.13
C ALA B 91 -6.00 20.36 19.93
N ASN B 92 -4.68 20.30 19.97
CA ASN B 92 -3.89 21.27 20.72
C ASN B 92 -3.52 22.53 19.93
N ASP B 93 -4.05 22.63 18.70
CA ASP B 93 -3.96 23.82 17.84
C ASP B 93 -2.66 23.97 17.05
N GLU B 94 -1.74 23.02 17.19
CA GLU B 94 -0.56 23.06 16.33
C GLU B 94 -0.98 22.85 14.88
N PRO B 95 -0.36 23.58 13.96
CA PRO B 95 -0.73 23.42 12.55
C PRO B 95 -0.07 22.17 11.99
N PHE B 96 -0.70 21.57 10.99
CA PHE B 96 -0.04 20.52 10.20
C PHE B 96 -0.65 20.49 8.82
N ASP B 97 0.16 20.08 7.85
CA ASP B 97 -0.31 19.95 6.48
C ASP B 97 -0.80 18.52 6.26
N ASN B 98 -2.02 18.42 5.77
CA ASN B 98 -2.75 17.16 5.60
C ASN B 98 -2.89 16.86 4.12
N LEU B 99 -2.19 15.84 3.63
CA LEU B 99 -2.42 15.37 2.25
C LEU B 99 -3.64 14.44 2.25
N LEU B 100 -4.74 14.91 1.65
CA LEU B 100 -6.06 14.28 1.82
C LEU B 100 -6.43 13.51 0.57
N PHE B 101 -6.79 12.23 0.74
CA PHE B 101 -7.22 11.42 -0.38
C PHE B 101 -8.74 11.23 -0.24
N LEU B 102 -9.53 11.65 -1.24
CA LEU B 102 -10.98 11.46 -1.21
C LEU B 102 -11.44 10.39 -2.20
N HIS B 103 -12.38 9.55 -1.80
CA HIS B 103 -12.88 8.47 -2.67
C HIS B 103 -14.35 8.20 -2.41
N PRO B 104 -15.19 8.29 -3.45
CA PRO B 104 -16.62 7.93 -3.36
C PRO B 104 -16.84 6.45 -2.99
N VAL B 105 -17.78 6.17 -2.08
CA VAL B 105 -18.11 4.78 -1.69
C VAL B 105 -19.60 4.46 -1.86
N GLY B 106 -19.93 3.30 -2.40
CA GLY B 106 -21.30 2.84 -2.41
C GLY B 106 -22.18 3.66 -3.33
N GLY B 107 -23.49 3.66 -3.07
CA GLY B 107 -24.43 4.38 -3.90
C GLY B 107 -24.36 4.04 -5.37
N ARG B 108 -24.52 5.06 -6.21
CA ARG B 108 -24.49 4.95 -7.66
C ARG B 108 -23.29 5.75 -8.15
N PRO B 109 -22.85 5.53 -9.41
CA PRO B 109 -21.64 6.20 -9.90
C PRO B 109 -21.53 7.73 -9.69
N ASP B 110 -22.55 8.51 -10.01
CA ASP B 110 -22.52 9.95 -9.67
C ASP B 110 -23.39 10.29 -8.46
N ALA B 111 -23.50 9.35 -7.53
CA ALA B 111 -24.26 9.59 -6.31
C ALA B 111 -23.77 8.59 -5.27
N PRO B 112 -22.54 8.76 -4.80
CA PRO B 112 -22.09 7.79 -3.80
C PRO B 112 -22.88 7.96 -2.50
N ASP B 113 -23.07 6.87 -1.76
CA ASP B 113 -23.75 6.93 -0.47
C ASP B 113 -22.84 7.54 0.58
N TYR B 114 -21.54 7.24 0.49
CA TYR B 114 -20.55 7.74 1.44
C TYR B 114 -19.35 8.27 0.70
N PHE B 115 -18.48 8.94 1.44
CA PHE B 115 -17.17 9.32 0.93
C PHE B 115 -16.15 8.89 1.93
N LEU B 116 -15.06 8.33 1.42
CA LEU B 116 -13.97 7.89 2.27
C LEU B 116 -12.90 8.95 2.22
N GLY B 117 -12.24 9.16 3.34
CA GLY B 117 -11.12 10.08 3.36
C GLY B 117 -9.95 9.44 4.06
N SER B 118 -8.76 9.66 3.52
CA SER B 118 -7.55 9.16 4.15
C SER B 118 -6.53 10.29 4.24
N GLN B 119 -5.94 10.44 5.42
CA GLN B 119 -5.07 11.58 5.69
C GLN B 119 -3.61 11.19 5.79
N PHE B 120 -2.78 11.86 5.00
CA PHE B 120 -1.35 11.68 5.15
C PHE B 120 -0.72 12.95 5.70
N GLU B 121 -0.06 12.81 6.84
CA GLU B 121 0.57 13.96 7.49
C GLU B 121 1.93 14.26 6.89
N LEU B 122 2.02 15.42 6.23
CA LEU B 122 3.26 15.90 5.63
C LEU B 122 4.26 16.39 6.68
N GLY B 123 5.53 16.45 6.31
CA GLY B 123 6.54 17.06 7.16
C GLY B 123 7.04 16.17 8.27
N ARG B 124 6.64 14.91 8.24
CA ARG B 124 7.04 13.96 9.27
C ARG B 124 8.11 13.03 8.73
N SER B 125 8.37 13.13 7.43
CA SER B 125 9.14 12.10 6.73
C SER B 125 10.49 12.58 6.19
N GLY B 126 10.85 13.81 6.51
CA GLY B 126 12.18 14.33 6.22
C GLY B 126 12.58 14.39 4.76
N ASN B 127 13.57 13.59 4.38
CA ASN B 127 14.11 13.63 3.03
C ASN B 127 13.28 12.83 2.02
N SER B 128 12.31 12.07 2.52
CA SER B 128 11.61 11.11 1.67
C SER B 128 10.08 11.28 1.67
N GLU B 129 9.62 12.53 1.58
CA GLU B 129 8.19 12.82 1.61
C GLU B 129 7.42 12.18 0.44
N GLU B 130 7.97 12.26 -0.76
CA GLU B 130 7.41 11.58 -1.93
C GLU B 130 7.24 10.08 -1.72
N ALA B 131 8.26 9.43 -1.18
CA ALA B 131 8.26 7.98 -1.02
C ALA B 131 7.21 7.60 0.03
N ALA B 132 7.23 8.32 1.15
CA ALA B 132 6.28 8.13 2.23
C ALA B 132 4.84 8.30 1.75
N ALA B 133 4.60 9.40 1.05
CA ALA B 133 3.27 9.70 0.54
C ALA B 133 2.84 8.58 -0.41
N ALA B 134 3.78 8.14 -1.23
CA ALA B 134 3.50 7.11 -2.23
C ALA B 134 3.25 5.78 -1.53
N GLY B 135 4.05 5.51 -0.50
CA GLY B 135 3.83 4.34 0.34
C GLY B 135 2.43 4.35 0.93
N HIS B 136 2.01 5.52 1.39
CA HIS B 136 0.68 5.67 1.98
C HIS B 136 -0.37 5.37 0.92
N ALA B 137 -0.16 5.92 -0.26
CA ALA B 137 -1.09 5.71 -1.38
C ALA B 137 -1.30 4.23 -1.64
N GLY B 138 -0.22 3.45 -1.55
CA GLY B 138 -0.26 2.02 -1.76
C GLY B 138 -1.04 1.24 -0.71
N ALA B 139 -0.80 1.55 0.56
CA ALA B 139 -1.58 0.97 1.64
C ALA B 139 -3.05 1.34 1.51
N LEU B 140 -3.33 2.58 1.13
CA LEU B 140 -4.71 3.02 0.92
C LEU B 140 -5.44 2.16 -0.13
N THR B 141 -4.87 2.10 -1.33
CA THR B 141 -5.47 1.33 -2.42
C THR B 141 -5.77 -0.10 -2.00
N GLY B 142 -4.88 -0.68 -1.22
CA GLY B 142 -5.16 -1.99 -0.64
C GLY B 142 -6.42 -2.01 0.20
N GLU B 143 -6.65 -0.95 0.97
CA GLU B 143 -7.84 -0.85 1.80
C GLU B 143 -9.06 -0.66 0.91
N LEU B 144 -8.90 0.12 -0.15
CA LEU B 144 -10.01 0.43 -1.04
C LEU B 144 -10.47 -0.87 -1.70
N ALA B 145 -9.50 -1.69 -2.08
CA ALA B 145 -9.81 -2.92 -2.79
C ALA B 145 -10.47 -3.94 -1.88
N ARG B 146 -10.11 -3.93 -0.60
CA ARG B 146 -10.74 -4.85 0.36
C ARG B 146 -12.17 -4.49 0.64
N ILE B 147 -12.48 -3.21 0.55
CA ILE B 147 -13.84 -2.72 0.73
C ILE B 147 -14.62 -2.94 -0.55
N GLY B 148 -13.92 -2.82 -1.67
CA GLY B 148 -14.55 -3.03 -2.97
C GLY B 148 -14.80 -1.74 -3.72
N THR B 149 -14.32 -0.62 -3.20
CA THR B 149 -14.44 0.64 -3.94
C THR B 149 -13.50 0.69 -5.17
N VAL B 150 -12.33 0.07 -5.05
CA VAL B 150 -11.47 -0.22 -6.21
C VAL B 150 -11.68 -1.68 -6.66
N ALA B 151 -11.97 -1.89 -7.94
CA ALA B 151 -12.15 -3.24 -8.48
C ALA B 151 -10.89 -4.06 -8.26
N ALA B 152 -11.06 -5.32 -7.85
CA ALA B 152 -9.92 -6.12 -7.43
C ALA B 152 -8.86 -6.23 -8.52
N ARG B 153 -9.28 -6.54 -9.74
CA ARG B 153 -8.35 -6.63 -10.88
C ARG B 153 -7.58 -5.32 -11.13
N LEU B 154 -8.13 -4.21 -10.66
CA LEU B 154 -7.59 -2.89 -10.97
C LEU B 154 -6.79 -2.29 -9.82
N GLU B 155 -6.57 -3.08 -8.77
CA GLU B 155 -5.87 -2.55 -7.60
C GLU B 155 -4.49 -2.02 -7.97
N MET B 156 -3.75 -2.73 -8.83
CA MET B 156 -2.40 -2.31 -9.20
C MET B 156 -2.37 -1.00 -9.97
N ASP B 157 -3.22 -0.91 -10.99
CA ASP B 157 -3.28 0.26 -11.84
C ASP B 157 -3.72 1.45 -11.00
N SER B 158 -4.64 1.21 -10.08
CA SER B 158 -5.10 2.25 -9.19
C SER B 158 -3.94 2.77 -8.31
N ARG B 159 -3.22 1.84 -7.68
CA ARG B 159 -2.07 2.15 -6.84
C ARG B 159 -1.02 3.00 -7.57
N ARG B 160 -0.64 2.54 -8.75
CA ARG B 160 0.30 3.28 -9.58
C ARG B 160 -0.13 4.72 -9.85
N HIS B 161 -1.41 4.95 -10.14
CA HIS B 161 -1.81 6.32 -10.42
C HIS B 161 -1.94 7.13 -9.13
N LEU B 162 -2.38 6.48 -8.06
CA LEU B 162 -2.55 7.18 -6.78
C LEU B 162 -1.20 7.54 -6.15
N ALA B 163 -0.21 6.67 -6.32
CA ALA B 163 1.14 6.89 -5.80
C ALA B 163 1.81 8.05 -6.52
N GLN B 164 1.66 8.06 -7.85
CA GLN B 164 2.14 9.12 -8.69
C GLN B 164 1.51 10.46 -8.32
N ALA B 165 0.18 10.47 -8.20
CA ALA B 165 -0.56 11.66 -7.81
C ALA B 165 -0.09 12.19 -6.47
N ALA B 166 0.28 11.28 -5.56
CA ALA B 166 0.70 11.70 -4.21
C ALA B 166 2.08 12.34 -4.27
N ALA B 167 3.01 11.70 -4.99
CA ALA B 167 4.35 12.24 -5.17
C ALA B 167 4.35 13.63 -5.83
N ALA B 168 3.53 13.80 -6.86
CA ALA B 168 3.36 15.11 -7.50
C ALA B 168 2.92 16.15 -6.47
N LEU B 169 1.87 15.83 -5.71
CA LEU B 169 1.35 16.78 -4.73
C LEU B 169 2.40 17.14 -3.69
N VAL B 170 3.18 16.16 -3.25
CA VAL B 170 4.23 16.46 -2.30
C VAL B 170 5.19 17.45 -2.93
N ARG B 171 5.66 17.13 -4.14
CA ARG B 171 6.59 17.99 -4.87
C ARG B 171 6.12 19.44 -5.02
N ALA B 172 4.83 19.65 -5.29
CA ALA B 172 4.27 21.00 -5.33
C ALA B 172 4.22 21.61 -3.92
N TRP B 173 3.96 20.77 -2.92
CA TRP B 173 3.93 21.24 -1.55
C TRP B 173 5.30 21.68 -1.03
N GLU B 174 6.38 21.01 -1.46
CA GLU B 174 7.70 21.47 -1.08
C GLU B 174 8.21 22.59 -1.99
N ARG B 175 7.42 22.91 -3.01
CA ARG B 175 7.72 24.06 -3.87
C ARG B 175 7.13 25.36 -3.30
N ARG B 176 6.43 25.25 -2.17
CA ARG B 176 5.81 26.40 -1.53
C ARG B 176 6.82 27.15 -0.65
N GLY B 177 7.91 26.49 -0.30
CA GLY B 177 8.91 27.08 0.56
C GLY B 177 8.58 26.90 2.03
#